data_3N6N
#
_entry.id   3N6N
#
_cell.length_a   103.510
_cell.length_b   103.510
_cell.length_c   131.536
_cell.angle_alpha   90.00
_cell.angle_beta   90.00
_cell.angle_gamma   120.00
#
_symmetry.space_group_name_H-M   'P 32 2 1'
#
loop_
_entity.id
_entity.type
_entity.pdbx_description
1 polymer 'RNA-dependent RNA polymerase'
2 non-polymer 'NICKEL (II) ION'
3 non-polymer "5-bromouridine 5'-(tetrahydrogen triphosphate)"
4 water water
#
_entity_poly.entity_id   1
_entity_poly.type   'polypeptide(L)'
_entity_poly.pdbx_seq_one_letter_code
;GEIQWVKPNKETGRLSINGPTRTKLEPSVFHDVFEGNKEPAVLHSKDPRLEVDFEQALFSKYVGNTLYEPDEYIKEAALH
YANQLKQLEINTSQMSMEEACYGTENLEAIDLHTSAGYPYSALGIKKRDILDPTTRDVSKMKFYMDKYGLDLPYSTYVKD
ELRSIDKIKKGKSRLIEASSLNDSVYLRMAFGHLYETFHANPGTITGSAVGCNPDTFWSKLPILLPGSLFAFDYSGYDAS
LSPVWFRALELVLREIGYSEGAISLIEGINHTHHVYRNKTYCVLGGMPSGCSGTSIFNSMINNIIIRALLIKTFKGIDLD
ELNMVAYGDDVLASYPFPIDCLELAKTGKEYGLTMTPADKSPCFNEVNWDNATFLKRGFLPDEQFPFLIHPTMPMREIHE
SIRWTKDARNTQDHVRSLCLLAWHNGKQEYEKFVSTIRSVPVGRALAIPNYENLRRNWLELF
;
_entity_poly.pdbx_strand_id   A
#
loop_
_chem_comp.id
_chem_comp.type
_chem_comp.name
_chem_comp.formula
BUP non-polymer '5-bromouridine 5'-(tetrahydrogen triphosphate)' 'C9 H14 Br N2 O15 P3'
NI non-polymer 'NICKEL (II) ION' 'Ni 2'
#
# COMPACT_ATOMS: atom_id res chain seq x y z
N GLY A 1 -7.07 -9.26 -12.42
CA GLY A 1 -8.16 -8.25 -12.56
C GLY A 1 -8.49 -7.97 -14.02
N GLU A 2 -9.77 -7.74 -14.29
CA GLU A 2 -10.25 -7.45 -15.64
C GLU A 2 -11.64 -6.82 -15.57
N ILE A 3 -11.80 -5.70 -16.28
CA ILE A 3 -13.12 -5.06 -16.43
C ILE A 3 -14.05 -6.00 -17.20
N GLN A 4 -15.28 -6.15 -16.70
CA GLN A 4 -16.28 -7.04 -17.31
C GLN A 4 -17.22 -6.29 -18.25
N TRP A 5 -17.61 -5.08 -17.87
CA TRP A 5 -18.46 -4.22 -18.70
C TRP A 5 -18.37 -2.78 -18.22
N VAL A 6 -18.75 -1.85 -19.10
CA VAL A 6 -18.84 -0.45 -18.74
C VAL A 6 -20.21 0.07 -19.19
N LYS A 7 -20.85 0.87 -18.35
CA LYS A 7 -22.11 1.53 -18.70
C LYS A 7 -22.04 2.99 -18.27
N PRO A 8 -22.74 3.88 -19.01
CA PRO A 8 -22.88 5.27 -18.56
C PRO A 8 -23.73 5.37 -17.29
N ASN A 9 -23.52 6.43 -16.51
CA ASN A 9 -24.26 6.65 -15.26
C ASN A 9 -25.77 6.78 -15.45
N LYS A 10 -26.18 7.34 -16.60
CA LYS A 10 -27.58 7.50 -16.95
C LYS A 10 -28.31 6.16 -16.99
N GLU A 11 -27.61 5.14 -17.51
CA GLU A 11 -28.14 3.77 -17.59
C GLU A 11 -28.26 3.09 -16.22
N THR A 12 -27.24 3.25 -15.37
CA THR A 12 -27.18 2.55 -14.08
C THR A 12 -27.94 3.25 -12.95
N GLY A 13 -27.97 4.58 -12.99
CA GLY A 13 -28.63 5.38 -11.96
C GLY A 13 -27.69 5.80 -10.84
N ARG A 14 -26.40 5.47 -11.00
CA ARG A 14 -25.38 5.83 -10.03
C ARG A 14 -25.03 7.31 -10.12
N LEU A 15 -24.78 7.93 -8.97
CA LEU A 15 -24.48 9.36 -8.89
C LEU A 15 -23.05 9.68 -9.34
N SER A 16 -22.91 10.78 -10.08
CA SER A 16 -21.61 11.25 -10.57
C SER A 16 -20.90 12.09 -9.52
N ILE A 17 -19.59 11.97 -9.45
CA ILE A 17 -18.77 12.80 -8.54
C ILE A 17 -18.68 14.21 -9.16
N ASN A 18 -17.60 14.48 -9.90
CA ASN A 18 -17.58 15.61 -10.86
C ASN A 18 -16.67 15.44 -12.10
N GLY A 19 -15.34 15.59 -12.00
CA GLY A 19 -14.61 15.97 -10.78
C GLY A 19 -14.04 17.37 -10.87
N PRO A 20 -13.26 17.80 -9.83
CA PRO A 20 -12.61 19.11 -9.85
C PRO A 20 -11.24 19.03 -10.52
N THR A 21 -11.25 18.56 -11.77
CA THR A 21 -10.04 18.11 -12.50
C THR A 21 -8.90 19.16 -12.66
N ARG A 22 -8.28 19.53 -11.54
CA ARG A 22 -7.12 20.43 -11.51
C ARG A 22 -6.16 20.00 -10.40
N THR A 23 -4.86 19.98 -10.71
CA THR A 23 -3.86 19.55 -9.73
C THR A 23 -3.69 20.54 -8.57
N LYS A 24 -3.56 20.01 -7.36
CA LYS A 24 -3.36 20.82 -6.17
C LYS A 24 -1.86 21.02 -5.88
N LEU A 25 -1.03 20.23 -6.54
CA LEU A 25 0.42 20.34 -6.43
C LEU A 25 0.95 21.52 -7.26
N GLU A 26 1.54 22.48 -6.56
CA GLU A 26 2.21 23.63 -7.19
C GLU A 26 3.72 23.54 -6.93
N PRO A 27 4.53 24.19 -7.78
CA PRO A 27 5.97 24.30 -7.47
C PRO A 27 6.19 25.04 -6.15
N SER A 28 7.10 24.53 -5.34
CA SER A 28 7.42 25.14 -4.04
C SER A 28 8.62 26.07 -4.15
N VAL A 29 8.96 26.72 -3.03
CA VAL A 29 10.08 27.67 -3.00
C VAL A 29 11.43 27.05 -3.36
N PHE A 30 11.52 25.72 -3.26
CA PHE A 30 12.76 25.02 -3.58
C PHE A 30 12.72 24.36 -4.96
N HIS A 31 11.67 24.63 -5.73
CA HIS A 31 11.50 23.98 -7.04
C HIS A 31 12.78 24.04 -7.86
N ASP A 32 13.29 25.26 -8.04
CA ASP A 32 14.49 25.48 -8.86
C ASP A 32 15.79 25.42 -8.05
N VAL A 33 15.66 25.38 -6.72
CA VAL A 33 16.80 25.20 -5.83
C VAL A 33 17.36 23.76 -5.90
N PHE A 34 16.45 22.78 -5.90
CA PHE A 34 16.83 21.37 -5.98
C PHE A 34 16.61 20.80 -7.38
N GLU A 35 17.20 19.64 -7.65
CA GLU A 35 17.07 18.98 -8.95
C GLU A 35 16.09 17.81 -8.96
N GLY A 36 15.44 17.63 -10.10
CA GLY A 36 14.48 16.54 -10.33
C GLY A 36 13.68 16.74 -11.62
N ASN A 37 13.05 15.68 -12.10
CA ASN A 37 12.18 15.77 -13.27
C ASN A 37 10.88 14.96 -13.12
N LYS A 38 10.12 15.32 -12.08
CA LYS A 38 8.80 14.75 -11.83
C LYS A 38 7.78 15.85 -11.75
N GLU A 39 6.67 15.67 -12.45
CA GLU A 39 5.57 16.64 -12.43
C GLU A 39 4.31 15.97 -11.88
N PRO A 40 3.28 16.78 -11.54
CA PRO A 40 1.97 16.21 -11.18
C PRO A 40 1.45 15.24 -12.24
N ALA A 41 0.78 14.18 -11.79
CA ALA A 41 0.24 13.15 -12.69
C ALA A 41 -0.85 13.72 -13.60
N VAL A 42 -1.13 13.02 -14.69
CA VAL A 42 -2.20 13.41 -15.62
C VAL A 42 -3.55 13.19 -14.95
N LEU A 43 -4.36 14.24 -14.90
CA LEU A 43 -5.65 14.18 -14.22
C LEU A 43 -6.85 14.01 -15.17
N HIS A 44 -6.86 14.75 -16.27
CA HIS A 44 -7.96 14.66 -17.24
C HIS A 44 -7.51 14.16 -18.61
N SER A 45 -8.48 13.74 -19.42
CA SER A 45 -8.26 13.18 -20.75
C SER A 45 -7.63 14.17 -21.74
N LYS A 46 -7.74 15.45 -21.43
CA LYS A 46 -7.34 16.53 -22.34
C LYS A 46 -6.00 17.16 -21.97
N ASP A 47 -5.29 16.55 -21.01
CA ASP A 47 -4.00 17.06 -20.54
C ASP A 47 -3.04 17.24 -21.71
N PRO A 48 -2.48 18.47 -21.84
CA PRO A 48 -1.51 18.81 -22.89
C PRO A 48 -0.31 17.87 -23.02
N ARG A 49 0.10 17.21 -21.94
CA ARG A 49 1.32 16.41 -21.95
C ARG A 49 1.11 14.93 -22.35
N LEU A 50 -0.13 14.57 -22.67
CA LEU A 50 -0.50 13.20 -23.03
C LEU A 50 0.04 12.73 -24.38
N GLU A 51 0.46 11.46 -24.42
CA GLU A 51 0.92 10.84 -25.66
C GLU A 51 -0.16 9.92 -26.21
N VAL A 52 -0.89 9.28 -25.30
CA VAL A 52 -1.92 8.29 -25.65
C VAL A 52 -3.32 8.71 -25.18
N ASP A 53 -4.30 7.83 -25.33
CA ASP A 53 -5.62 8.05 -24.74
C ASP A 53 -5.50 7.82 -23.24
N PHE A 54 -5.89 8.83 -22.47
CA PHE A 54 -5.76 8.79 -21.01
C PHE A 54 -6.61 7.69 -20.38
N GLU A 55 -7.92 7.76 -20.60
CA GLU A 55 -8.86 6.82 -20.00
C GLU A 55 -8.50 5.36 -20.26
N GLN A 56 -8.08 5.04 -21.48
CA GLN A 56 -7.74 3.66 -21.80
C GLN A 56 -6.37 3.25 -21.24
N ALA A 57 -5.50 4.23 -21.03
CA ALA A 57 -4.20 4.00 -20.39
C ALA A 57 -4.38 3.69 -18.91
N LEU A 58 -5.28 4.42 -18.26
CA LEU A 58 -5.64 4.19 -16.87
C LEU A 58 -5.98 2.74 -16.59
N PHE A 59 -6.82 2.15 -17.46
CA PHE A 59 -7.36 0.82 -17.22
C PHE A 59 -6.56 -0.32 -17.83
N SER A 60 -5.45 0.01 -18.50
CA SER A 60 -4.56 -1.00 -19.07
C SER A 60 -3.82 -1.78 -17.99
N LYS A 61 -4.02 -1.38 -16.72
CA LYS A 61 -3.45 -2.09 -15.58
C LYS A 61 -4.13 -3.44 -15.35
N TYR A 62 -5.41 -3.52 -15.73
CA TYR A 62 -6.18 -4.75 -15.66
C TYR A 62 -5.78 -5.66 -16.82
N VAL A 63 -4.73 -6.45 -16.60
CA VAL A 63 -4.14 -7.29 -17.65
C VAL A 63 -4.92 -8.57 -17.94
N GLY A 64 -5.93 -8.85 -17.11
CA GLY A 64 -6.76 -10.04 -17.28
C GLY A 64 -6.60 -11.05 -16.15
N ASN A 65 -7.48 -12.04 -16.14
CA ASN A 65 -7.47 -13.09 -15.14
C ASN A 65 -7.04 -14.40 -15.78
N THR A 66 -6.03 -15.05 -15.22
CA THR A 66 -5.52 -16.29 -15.78
C THR A 66 -6.20 -17.51 -15.17
N LEU A 67 -6.31 -17.51 -13.83
CA LEU A 67 -6.87 -18.65 -13.11
C LEU A 67 -7.99 -18.17 -12.17
N TYR A 68 -9.07 -18.95 -12.12
CA TYR A 68 -10.24 -18.58 -11.33
C TYR A 68 -10.40 -19.41 -10.06
N GLU A 69 -9.66 -20.52 -9.98
CA GLU A 69 -9.84 -21.51 -8.93
C GLU A 69 -8.49 -22.11 -8.50
N PRO A 70 -8.25 -22.20 -7.18
CA PRO A 70 -6.98 -22.73 -6.65
C PRO A 70 -6.64 -24.13 -7.13
N ASP A 71 -5.45 -24.29 -7.69
CA ASP A 71 -4.89 -25.61 -7.98
C ASP A 71 -4.22 -26.16 -6.72
N GLU A 72 -3.48 -27.25 -6.86
CA GLU A 72 -2.90 -27.96 -5.71
C GLU A 72 -1.78 -27.18 -5.01
N TYR A 73 -1.06 -26.36 -5.77
CA TYR A 73 0.05 -25.56 -5.23
C TYR A 73 -0.46 -24.41 -4.37
N ILE A 74 -1.50 -23.73 -4.85
CA ILE A 74 -2.11 -22.61 -4.14
C ILE A 74 -2.76 -23.04 -2.82
N LYS A 75 -3.43 -24.19 -2.84
CA LYS A 75 -4.07 -24.75 -1.63
C LYS A 75 -3.06 -25.08 -0.54
N GLU A 76 -1.95 -25.71 -0.93
CA GLU A 76 -0.90 -26.08 0.01
C GLU A 76 -0.25 -24.84 0.63
N ALA A 77 -0.06 -23.82 -0.20
CA ALA A 77 0.50 -22.54 0.22
C ALA A 77 -0.43 -21.81 1.18
N ALA A 78 -1.72 -21.81 0.86
CA ALA A 78 -2.74 -21.18 1.69
C ALA A 78 -2.81 -21.85 3.06
N LEU A 79 -2.62 -23.17 3.07
CA LEU A 79 -2.71 -23.96 4.30
C LEU A 79 -1.52 -23.71 5.22
N HIS A 80 -0.32 -23.62 4.65
CA HIS A 80 0.90 -23.38 5.43
C HIS A 80 0.86 -22.04 6.13
N TYR A 81 0.52 -20.99 5.38
CA TYR A 81 0.38 -19.65 5.93
C TYR A 81 -0.76 -19.61 6.93
N ALA A 82 -1.85 -20.31 6.62
CA ALA A 82 -2.98 -20.41 7.54
C ALA A 82 -2.55 -21.05 8.86
N ASN A 83 -1.88 -22.19 8.76
CA ASN A 83 -1.34 -22.87 9.95
C ASN A 83 -0.40 -21.99 10.74
N GLN A 84 0.50 -21.30 10.05
CA GLN A 84 1.47 -20.42 10.71
C GLN A 84 0.79 -19.28 11.49
N LEU A 85 -0.34 -18.82 10.98
CA LEU A 85 -1.10 -17.75 11.64
C LEU A 85 -1.68 -18.19 12.98
N LYS A 86 -2.07 -19.46 13.05
CA LYS A 86 -2.79 -20.02 14.21
C LYS A 86 -2.17 -19.67 15.58
N GLN A 87 -0.85 -19.70 15.64
CA GLN A 87 -0.12 -19.37 16.88
C GLN A 87 -0.38 -17.96 17.40
N LEU A 88 -0.91 -17.09 16.54
CA LEU A 88 -1.23 -15.70 16.95
C LEU A 88 -2.54 -15.61 17.73
N GLU A 89 -3.36 -16.65 17.62
CA GLU A 89 -4.65 -16.73 18.31
C GLU A 89 -5.53 -15.51 17.99
N ILE A 90 -5.72 -15.26 16.70
CA ILE A 90 -6.52 -14.13 16.24
C ILE A 90 -7.98 -14.28 16.68
N ASN A 91 -8.48 -13.27 17.36
CA ASN A 91 -9.87 -13.23 17.79
C ASN A 91 -10.81 -13.05 16.59
N THR A 92 -11.60 -14.08 16.30
CA THR A 92 -12.43 -14.11 15.08
C THR A 92 -13.83 -13.54 15.27
N SER A 93 -14.15 -13.14 16.51
CA SER A 93 -15.48 -12.61 16.81
C SER A 93 -15.59 -11.15 16.39
N GLN A 94 -16.73 -10.80 15.81
CA GLN A 94 -16.97 -9.47 15.26
C GLN A 94 -16.69 -8.32 16.22
N MET A 95 -15.83 -7.39 15.80
CA MET A 95 -15.54 -6.17 16.56
C MET A 95 -16.74 -5.23 16.55
N SER A 96 -17.02 -4.60 17.68
CA SER A 96 -18.13 -3.65 17.80
C SER A 96 -17.95 -2.46 16.86
N MET A 97 -19.06 -1.82 16.51
CA MET A 97 -19.04 -0.66 15.61
C MET A 97 -18.22 0.48 16.20
N GLU A 98 -18.38 0.73 17.49
CA GLU A 98 -17.69 1.84 18.15
C GLU A 98 -16.18 1.76 17.91
N GLU A 99 -15.63 0.58 18.18
CA GLU A 99 -14.20 0.32 18.04
C GLU A 99 -13.76 0.40 16.57
N ALA A 100 -14.55 -0.19 15.68
CA ALA A 100 -14.27 -0.18 14.25
C ALA A 100 -14.24 1.22 13.65
N CYS A 101 -15.04 2.12 14.23
CA CYS A 101 -15.13 3.49 13.72
C CYS A 101 -14.14 4.43 14.37
N TYR A 102 -13.95 4.28 15.68
CA TYR A 102 -13.24 5.29 16.47
C TYR A 102 -11.87 4.85 16.98
N GLY A 103 -11.56 3.56 16.80
CA GLY A 103 -10.23 3.05 17.09
C GLY A 103 -10.07 2.32 18.42
N THR A 104 -9.04 1.49 18.46
CA THR A 104 -8.51 0.90 19.69
C THR A 104 -7.03 1.26 19.75
N GLU A 105 -6.26 0.65 20.64
CA GLU A 105 -4.84 1.00 20.74
C GLU A 105 -4.01 0.40 19.61
N ASN A 106 -4.53 -0.67 19.00
CA ASN A 106 -3.86 -1.33 17.88
C ASN A 106 -4.53 -1.10 16.52
N LEU A 107 -5.68 -0.42 16.53
CA LEU A 107 -6.37 -0.07 15.31
C LEU A 107 -6.71 1.41 15.32
N GLU A 108 -6.28 2.12 14.28
CA GLU A 108 -6.53 3.56 14.20
C GLU A 108 -7.96 3.85 13.78
N ALA A 109 -8.48 4.98 14.27
CA ALA A 109 -9.80 5.47 13.88
C ALA A 109 -9.85 5.72 12.37
N ILE A 110 -11.04 5.53 11.79
CA ILE A 110 -11.27 5.86 10.39
C ILE A 110 -10.89 7.32 10.16
N ASP A 111 -10.02 7.54 9.19
CA ASP A 111 -9.49 8.87 8.87
C ASP A 111 -10.62 9.82 8.50
N LEU A 112 -10.82 10.83 9.33
CA LEU A 112 -11.86 11.82 9.09
C LEU A 112 -11.51 12.81 7.97
N HIS A 113 -10.30 12.71 7.42
CA HIS A 113 -9.84 13.63 6.37
C HIS A 113 -10.00 13.11 4.94
N THR A 114 -10.51 11.89 4.79
CA THR A 114 -10.72 11.31 3.46
C THR A 114 -12.20 11.36 3.12
N SER A 115 -12.56 11.21 1.83
CA SER A 115 -13.96 11.19 1.43
C SER A 115 -14.64 9.92 1.95
N ALA A 116 -15.94 10.00 2.20
CA ALA A 116 -16.68 8.88 2.75
C ALA A 116 -17.05 7.88 1.67
N GLY A 117 -16.89 8.30 0.42
CA GLY A 117 -17.19 7.44 -0.72
C GLY A 117 -18.65 7.48 -1.12
N TYR A 118 -19.06 6.48 -1.89
CA TYR A 118 -20.41 6.42 -2.43
C TYR A 118 -21.44 6.14 -1.33
N PRO A 119 -22.57 6.87 -1.35
CA PRO A 119 -22.93 8.00 -2.20
C PRO A 119 -22.61 9.34 -1.54
N TYR A 120 -22.02 9.26 -0.35
CA TYR A 120 -21.72 10.42 0.48
C TYR A 120 -20.91 11.51 -0.22
N SER A 121 -19.80 11.12 -0.86
CA SER A 121 -18.95 12.08 -1.56
C SER A 121 -19.70 12.76 -2.71
N ALA A 122 -20.56 12.00 -3.38
CA ALA A 122 -21.42 12.53 -4.44
C ALA A 122 -22.53 13.42 -3.89
N LEU A 123 -22.93 13.19 -2.64
CA LEU A 123 -24.04 13.92 -2.04
C LEU A 123 -23.60 15.08 -1.15
N GLY A 124 -22.29 15.28 -1.03
CA GLY A 124 -21.75 16.35 -0.20
C GLY A 124 -21.63 16.01 1.28
N ILE A 125 -21.98 14.77 1.63
CA ILE A 125 -21.86 14.28 3.00
C ILE A 125 -20.44 13.77 3.22
N LYS A 126 -19.78 14.31 4.26
CA LYS A 126 -18.43 13.86 4.60
C LYS A 126 -18.37 13.26 6.01
N LYS A 127 -17.28 12.55 6.29
CA LYS A 127 -17.16 11.74 7.52
C LYS A 127 -17.43 12.51 8.80
N ARG A 128 -17.08 13.80 8.82
CA ARG A 128 -17.35 14.67 9.95
C ARG A 128 -18.83 14.84 10.25
N ASP A 129 -19.66 14.75 9.22
CA ASP A 129 -21.11 14.82 9.38
C ASP A 129 -21.66 13.59 10.11
N ILE A 130 -20.96 12.47 9.99
CA ILE A 130 -21.40 11.22 10.59
C ILE A 130 -20.67 10.88 11.88
N LEU A 131 -19.34 10.99 11.84
CA LEU A 131 -18.49 10.59 12.97
C LEU A 131 -18.02 11.76 13.81
N ASP A 132 -17.97 11.55 15.13
CA ASP A 132 -17.40 12.54 16.06
C ASP A 132 -16.59 11.86 17.15
N PRO A 133 -15.26 12.09 17.14
CA PRO A 133 -14.34 11.40 18.05
C PRO A 133 -14.58 11.71 19.53
N THR A 134 -15.10 12.90 19.82
CA THR A 134 -15.37 13.30 21.22
C THR A 134 -16.55 12.54 21.80
N THR A 135 -17.59 12.32 21.00
CA THR A 135 -18.78 11.61 21.48
C THR A 135 -18.65 10.10 21.32
N ARG A 136 -17.89 9.69 20.30
CA ARG A 136 -17.77 8.27 19.91
C ARG A 136 -19.15 7.64 19.64
N ASP A 137 -20.01 8.41 19.00
CA ASP A 137 -21.38 8.00 18.67
C ASP A 137 -21.41 7.13 17.41
N VAL A 138 -22.15 6.03 17.47
CA VAL A 138 -22.29 5.11 16.33
C VAL A 138 -23.70 5.08 15.75
N SER A 139 -24.63 5.76 16.43
CA SER A 139 -26.03 5.75 16.04
C SER A 139 -26.25 6.44 14.69
N LYS A 140 -25.46 7.48 14.42
CA LYS A 140 -25.53 8.16 13.13
C LYS A 140 -24.94 7.30 12.01
N MET A 141 -23.93 6.49 12.32
CA MET A 141 -23.39 5.51 11.37
C MET A 141 -24.42 4.44 11.04
N LYS A 142 -25.03 3.88 12.09
CA LYS A 142 -26.00 2.81 11.94
C LYS A 142 -27.18 3.30 11.12
N PHE A 143 -27.51 4.58 11.29
CA PHE A 143 -28.53 5.26 10.51
C PHE A 143 -28.20 5.27 9.02
N TYR A 144 -27.02 5.78 8.68
CA TYR A 144 -26.60 5.87 7.28
C TYR A 144 -26.30 4.52 6.66
N MET A 145 -25.98 3.54 7.50
CA MET A 145 -25.75 2.17 7.05
C MET A 145 -27.10 1.54 6.72
N ASP A 146 -28.10 1.89 7.53
CA ASP A 146 -29.48 1.48 7.32
C ASP A 146 -30.00 2.05 6.00
N LYS A 147 -29.70 3.32 5.76
CA LYS A 147 -30.21 4.03 4.60
C LYS A 147 -29.71 3.46 3.28
N TYR A 148 -28.41 3.20 3.18
CA TYR A 148 -27.80 2.85 1.89
C TYR A 148 -27.35 1.40 1.75
N GLY A 149 -27.31 0.68 2.86
CA GLY A 149 -26.92 -0.73 2.86
C GLY A 149 -25.45 -0.96 2.57
N LEU A 150 -25.12 -2.21 2.23
CA LEU A 150 -23.74 -2.61 1.95
C LEU A 150 -23.51 -2.82 0.46
N ASP A 151 -22.39 -3.46 0.10
CA ASP A 151 -22.01 -3.72 -1.28
C ASP A 151 -22.24 -2.53 -2.22
N LEU A 152 -21.74 -1.38 -1.83
CA LEU A 152 -21.87 -0.18 -2.61
C LEU A 152 -20.68 -0.05 -3.55
N PRO A 153 -20.85 0.69 -4.68
CA PRO A 153 -19.74 0.86 -5.61
C PRO A 153 -18.59 1.68 -5.05
N TYR A 154 -17.38 1.40 -5.53
CA TYR A 154 -16.18 2.12 -5.15
C TYR A 154 -16.08 3.41 -5.95
N SER A 155 -16.11 4.55 -5.26
CA SER A 155 -15.91 5.84 -5.91
C SER A 155 -14.45 5.98 -6.33
N THR A 156 -14.22 5.99 -7.64
CA THR A 156 -12.88 5.95 -8.24
C THR A 156 -12.48 7.31 -8.78
N TYR A 157 -11.26 7.74 -8.48
CA TYR A 157 -10.69 8.96 -9.05
C TYR A 157 -9.17 8.89 -9.17
N VAL A 158 -8.61 9.80 -9.97
CA VAL A 158 -7.16 9.86 -10.18
C VAL A 158 -6.46 10.42 -8.95
N LYS A 159 -5.33 9.81 -8.59
CA LYS A 159 -4.53 10.23 -7.45
C LYS A 159 -3.66 11.42 -7.84
N ASP A 160 -3.85 12.55 -7.16
CA ASP A 160 -3.05 13.75 -7.37
C ASP A 160 -1.69 13.58 -6.70
N GLU A 161 -0.69 13.24 -7.51
CA GLU A 161 0.64 12.87 -7.00
C GLU A 161 1.71 13.09 -8.05
N LEU A 162 2.97 13.13 -7.60
CA LEU A 162 4.10 13.27 -8.50
C LEU A 162 4.40 11.98 -9.22
N ARG A 163 4.70 12.07 -10.51
CA ARG A 163 5.05 10.91 -11.32
C ARG A 163 6.23 11.25 -12.23
N SER A 164 6.95 10.23 -12.67
CA SER A 164 8.04 10.41 -13.62
C SER A 164 7.49 10.98 -14.92
N ILE A 165 8.33 11.72 -15.64
CA ILE A 165 7.93 12.36 -16.88
C ILE A 165 7.49 11.30 -17.93
N ASP A 166 8.06 10.10 -17.82
CA ASP A 166 7.70 8.98 -18.70
C ASP A 166 6.25 8.53 -18.46
N LYS A 167 5.87 8.44 -17.19
CA LYS A 167 4.53 8.01 -16.79
C LYS A 167 3.46 9.05 -17.13
N ILE A 168 3.87 10.32 -17.20
CA ILE A 168 2.98 11.38 -17.63
C ILE A 168 2.73 11.29 -19.13
N LYS A 169 3.80 11.11 -19.91
CA LYS A 169 3.68 10.92 -21.35
C LYS A 169 2.82 9.70 -21.68
N LYS A 170 3.16 8.55 -21.10
CA LYS A 170 2.42 7.29 -21.33
C LYS A 170 1.06 7.25 -20.61
N GLY A 171 0.75 8.32 -19.87
CA GLY A 171 -0.56 8.47 -19.23
C GLY A 171 -0.86 7.51 -18.09
N LYS A 172 0.20 6.95 -17.50
CA LYS A 172 0.05 5.97 -16.43
C LYS A 172 -0.09 6.65 -15.06
N SER A 173 -1.22 7.33 -14.86
CA SER A 173 -1.62 7.83 -13.56
C SER A 173 -2.15 6.67 -12.72
N ARG A 174 -2.30 6.90 -11.42
CA ARG A 174 -2.82 5.86 -10.52
C ARG A 174 -4.18 6.24 -9.96
N LEU A 175 -5.03 5.23 -9.80
CA LEU A 175 -6.39 5.45 -9.33
C LEU A 175 -6.52 5.24 -7.83
N ILE A 176 -7.28 6.14 -7.19
CA ILE A 176 -7.77 5.90 -5.84
C ILE A 176 -9.16 5.29 -5.98
N GLU A 177 -9.29 4.04 -5.53
CA GLU A 177 -10.54 3.31 -5.61
C GLU A 177 -11.07 3.12 -4.19
N ALA A 178 -11.92 4.06 -3.77
CA ALA A 178 -12.37 4.16 -2.38
C ALA A 178 -13.69 3.44 -2.11
N SER A 179 -13.69 2.54 -1.12
CA SER A 179 -14.92 1.87 -0.68
C SER A 179 -15.83 2.86 0.01
N SER A 180 -17.13 2.57 0.02
CA SER A 180 -18.10 3.35 0.77
C SER A 180 -17.82 3.21 2.25
N LEU A 181 -17.90 4.33 2.97
CA LEU A 181 -17.73 4.30 4.42
C LEU A 181 -18.47 3.12 5.05
N ASN A 182 -19.67 2.84 4.54
CA ASN A 182 -20.50 1.72 5.03
C ASN A 182 -19.76 0.40 4.99
N ASP A 183 -19.10 0.12 3.87
CA ASP A 183 -18.38 -1.13 3.70
C ASP A 183 -17.09 -1.16 4.50
N SER A 184 -16.45 0.00 4.65
CA SER A 184 -15.28 0.13 5.52
C SER A 184 -15.64 -0.31 6.92
N VAL A 185 -16.70 0.30 7.47
CA VAL A 185 -17.17 0.01 8.82
C VAL A 185 -17.49 -1.47 8.97
N TYR A 186 -18.23 -2.02 8.02
CA TYR A 186 -18.64 -3.42 8.11
C TYR A 186 -17.43 -4.37 8.01
N LEU A 187 -16.52 -4.07 7.08
CA LEU A 187 -15.30 -4.87 6.91
C LEU A 187 -14.48 -4.86 8.18
N ARG A 188 -14.30 -3.68 8.76
CA ARG A 188 -13.53 -3.49 9.98
C ARG A 188 -14.19 -4.11 11.20
N MET A 189 -15.51 -4.24 11.17
CA MET A 189 -16.23 -4.92 12.24
C MET A 189 -15.93 -6.41 12.18
N ALA A 190 -15.94 -6.97 10.97
CA ALA A 190 -15.68 -8.39 10.77
C ALA A 190 -14.22 -8.77 11.03
N PHE A 191 -13.29 -7.93 10.57
CA PHE A 191 -11.86 -8.27 10.61
C PHE A 191 -11.00 -7.34 11.46
N GLY A 192 -11.63 -6.54 12.31
CA GLY A 192 -10.92 -5.54 13.10
C GLY A 192 -9.90 -6.10 14.07
N HIS A 193 -10.20 -7.25 14.66
CA HIS A 193 -9.28 -7.90 15.59
C HIS A 193 -8.08 -8.48 14.84
N LEU A 194 -8.32 -8.97 13.62
CA LEU A 194 -7.24 -9.45 12.78
C LEU A 194 -6.29 -8.32 12.45
N TYR A 195 -6.86 -7.16 12.11
CA TYR A 195 -6.07 -5.97 11.85
C TYR A 195 -5.26 -5.60 13.09
N GLU A 196 -5.92 -5.64 14.25
CA GLU A 196 -5.27 -5.33 15.53
C GLU A 196 -4.00 -6.14 15.74
N THR A 197 -4.12 -7.47 15.73
CA THR A 197 -2.97 -8.32 16.00
C THR A 197 -1.88 -8.08 14.97
N PHE A 198 -2.26 -8.01 13.69
CA PHE A 198 -1.33 -7.68 12.61
C PHE A 198 -0.54 -6.40 12.88
N HIS A 199 -1.26 -5.32 13.20
CA HIS A 199 -0.63 -4.03 13.54
C HIS A 199 0.36 -4.14 14.68
N ALA A 200 -0.03 -4.86 15.73
CA ALA A 200 0.78 -5.05 16.92
C ALA A 200 1.98 -5.98 16.70
N ASN A 201 1.91 -6.83 15.68
CA ASN A 201 2.95 -7.84 15.46
C ASN A 201 3.58 -7.84 14.05
N PRO A 202 4.26 -6.75 13.67
CA PRO A 202 4.97 -6.78 12.40
C PRO A 202 6.09 -7.80 12.50
N GLY A 203 6.27 -8.61 11.46
CA GLY A 203 7.30 -9.63 11.49
C GLY A 203 6.94 -10.88 10.71
N THR A 204 7.66 -11.96 11.02
CA THR A 204 7.64 -13.16 10.19
C THR A 204 6.55 -14.17 10.55
N ILE A 205 5.93 -13.99 11.72
CA ILE A 205 4.75 -14.77 12.07
C ILE A 205 3.58 -14.30 11.22
N THR A 206 3.30 -12.99 11.27
CA THR A 206 2.22 -12.39 10.47
C THR A 206 2.59 -12.37 9.00
N GLY A 207 3.89 -12.27 8.72
CA GLY A 207 4.38 -12.14 7.35
C GLY A 207 4.14 -10.74 6.83
N SER A 208 3.94 -9.81 7.76
CA SER A 208 3.49 -8.46 7.45
C SER A 208 4.37 -7.41 8.10
N ALA A 209 4.52 -6.28 7.42
CA ALA A 209 5.19 -5.12 7.95
C ALA A 209 4.22 -3.94 7.99
N VAL A 210 2.93 -4.24 7.86
CA VAL A 210 1.88 -3.22 7.82
C VAL A 210 1.84 -2.42 9.12
N GLY A 211 1.99 -1.11 8.99
CA GLY A 211 1.93 -0.18 10.12
C GLY A 211 3.19 -0.14 10.96
N CYS A 212 4.26 -0.75 10.45
CA CYS A 212 5.53 -0.79 11.19
C CYS A 212 6.17 0.59 11.23
N ASN A 213 7.14 0.75 12.13
CA ASN A 213 7.87 2.01 12.25
C ASN A 213 9.33 1.81 11.80
N PRO A 214 9.62 2.12 10.51
CA PRO A 214 10.92 1.81 9.90
C PRO A 214 12.12 2.23 10.75
N ASP A 215 11.93 3.25 11.58
CA ASP A 215 12.96 3.72 12.49
C ASP A 215 13.47 2.63 13.43
N THR A 216 12.57 1.79 13.95
CA THR A 216 12.94 0.72 14.86
C THR A 216 12.87 -0.65 14.19
N PHE A 217 11.84 -0.86 13.38
CA PHE A 217 11.60 -2.15 12.72
C PHE A 217 12.77 -2.59 11.82
N TRP A 218 13.50 -1.62 11.26
CA TRP A 218 14.63 -1.92 10.37
C TRP A 218 15.72 -2.76 11.03
N SER A 219 15.98 -2.49 12.31
CA SER A 219 16.99 -3.22 13.06
C SER A 219 16.56 -4.66 13.36
N LYS A 220 15.25 -4.89 13.39
CA LYS A 220 14.72 -6.23 13.65
C LYS A 220 14.80 -7.15 12.43
N LEU A 221 14.86 -6.57 11.23
CA LEU A 221 14.77 -7.34 9.99
C LEU A 221 15.93 -8.33 9.70
N PRO A 222 17.19 -7.92 9.91
CA PRO A 222 18.29 -8.89 9.70
C PRO A 222 18.15 -10.14 10.57
N ILE A 223 17.70 -9.96 11.82
CA ILE A 223 17.45 -11.09 12.72
C ILE A 223 16.26 -11.93 12.25
N LEU A 224 15.21 -11.27 11.75
CA LEU A 224 14.00 -11.95 11.28
C LEU A 224 14.18 -12.61 9.89
N LEU A 225 15.18 -12.15 9.13
CA LEU A 225 15.43 -12.71 7.80
C LEU A 225 16.89 -13.18 7.64
N PRO A 226 17.27 -14.29 8.29
CA PRO A 226 18.64 -14.77 8.21
C PRO A 226 18.87 -15.60 6.95
N GLY A 227 20.14 -15.81 6.58
CA GLY A 227 20.47 -16.52 5.35
C GLY A 227 20.42 -15.62 4.14
N SER A 228 20.05 -16.19 2.99
CA SER A 228 20.11 -15.48 1.71
C SER A 228 18.78 -14.84 1.29
N LEU A 229 18.82 -13.51 1.18
CA LEU A 229 17.65 -12.71 0.84
C LEU A 229 17.28 -12.78 -0.63
N PHE A 230 15.99 -12.65 -0.90
CA PHE A 230 15.49 -12.43 -2.25
C PHE A 230 14.31 -11.46 -2.22
N ALA A 231 14.17 -10.70 -3.30
CA ALA A 231 13.17 -9.64 -3.39
C ALA A 231 12.96 -9.27 -4.85
N PHE A 232 11.82 -8.64 -5.15
CA PHE A 232 11.52 -8.23 -6.52
C PHE A 232 10.39 -7.23 -6.56
N ASP A 233 10.31 -6.52 -7.68
CA ASP A 233 9.25 -5.56 -7.93
C ASP A 233 8.16 -6.23 -8.76
N TYR A 234 6.91 -6.02 -8.36
CA TYR A 234 5.77 -6.40 -9.17
C TYR A 234 5.42 -5.24 -10.10
N SER A 235 4.89 -5.56 -11.27
CA SER A 235 4.31 -4.55 -12.15
C SER A 235 2.79 -4.63 -12.04
N GLY A 236 2.18 -3.54 -11.59
CA GLY A 236 0.73 -3.46 -11.40
C GLY A 236 0.15 -4.63 -10.63
N TYR A 237 0.74 -4.90 -9.46
CA TYR A 237 0.34 -6.01 -8.58
C TYR A 237 -1.16 -6.07 -8.27
N ASP A 238 -1.71 -4.96 -7.80
CA ASP A 238 -3.12 -4.87 -7.41
C ASP A 238 -4.08 -5.35 -8.49
N ALA A 239 -3.94 -4.77 -9.67
CA ALA A 239 -4.83 -5.07 -10.78
C ALA A 239 -4.51 -6.39 -11.49
N SER A 240 -3.36 -6.99 -11.17
CA SER A 240 -2.94 -8.24 -11.80
C SER A 240 -3.39 -9.50 -11.05
N LEU A 241 -3.90 -9.32 -9.83
CA LEU A 241 -4.38 -10.45 -9.03
C LEU A 241 -5.70 -10.97 -9.58
N SER A 242 -5.73 -12.25 -9.95
CA SER A 242 -6.95 -12.89 -10.43
C SER A 242 -7.75 -13.41 -9.23
N PRO A 243 -9.04 -13.76 -9.44
CA PRO A 243 -9.93 -14.22 -8.36
C PRO A 243 -9.41 -15.41 -7.57
N VAL A 244 -8.47 -16.16 -8.14
CA VAL A 244 -7.88 -17.31 -7.46
C VAL A 244 -7.25 -16.92 -6.11
N TRP A 245 -6.62 -15.74 -6.07
CA TRP A 245 -5.93 -15.27 -4.87
C TRP A 245 -6.90 -14.88 -3.77
N PHE A 246 -8.09 -14.42 -4.17
CA PHE A 246 -9.16 -14.13 -3.23
C PHE A 246 -9.78 -15.42 -2.70
N ARG A 247 -9.91 -16.42 -3.57
CA ARG A 247 -10.34 -17.75 -3.19
C ARG A 247 -9.39 -18.35 -2.15
N ALA A 248 -8.08 -18.22 -2.41
CA ALA A 248 -7.06 -18.71 -1.49
C ALA A 248 -7.08 -17.97 -0.15
N LEU A 249 -7.42 -16.68 -0.19
CA LEU A 249 -7.55 -15.89 1.03
C LEU A 249 -8.75 -16.35 1.87
N GLU A 250 -9.84 -16.71 1.18
CA GLU A 250 -11.01 -17.30 1.82
C GLU A 250 -10.64 -18.60 2.55
N LEU A 251 -9.84 -19.43 1.89
CA LEU A 251 -9.34 -20.68 2.47
C LEU A 251 -8.53 -20.42 3.74
N VAL A 252 -7.64 -19.43 3.67
CA VAL A 252 -6.84 -19.00 4.81
C VAL A 252 -7.73 -18.51 5.95
N LEU A 253 -8.73 -17.70 5.62
CA LEU A 253 -9.62 -17.12 6.61
C LEU A 253 -10.49 -18.17 7.28
N ARG A 254 -10.94 -19.16 6.50
CA ARG A 254 -11.74 -20.26 7.03
C ARG A 254 -10.91 -21.12 7.99
N GLU A 255 -9.67 -21.39 7.60
CA GLU A 255 -8.78 -22.25 8.38
C GLU A 255 -8.36 -21.65 9.72
N ILE A 256 -8.41 -20.33 9.86
CA ILE A 256 -8.08 -19.71 11.14
C ILE A 256 -9.32 -19.48 12.02
N GLY A 257 -10.48 -19.79 11.46
CA GLY A 257 -11.72 -19.89 12.24
C GLY A 257 -12.76 -18.79 12.07
N TYR A 258 -12.85 -18.24 10.86
CA TYR A 258 -13.85 -17.20 10.58
C TYR A 258 -15.18 -17.80 10.13
N SER A 259 -16.28 -17.12 10.48
CA SER A 259 -17.61 -17.49 10.04
C SER A 259 -17.79 -17.23 8.54
N GLU A 260 -18.84 -17.82 7.96
CA GLU A 260 -19.11 -17.64 6.53
C GLU A 260 -19.58 -16.22 6.18
N GLY A 261 -20.28 -15.59 7.12
CA GLY A 261 -20.73 -14.21 6.95
C GLY A 261 -19.58 -13.24 6.74
N ALA A 262 -18.56 -13.35 7.59
CA ALA A 262 -17.35 -12.55 7.47
C ALA A 262 -16.58 -12.87 6.19
N ILE A 263 -16.52 -14.16 5.85
CA ILE A 263 -15.77 -14.64 4.70
C ILE A 263 -16.42 -14.22 3.37
N SER A 264 -17.73 -14.04 3.36
CA SER A 264 -18.44 -13.64 2.15
C SER A 264 -18.17 -12.17 1.78
N LEU A 265 -17.51 -11.45 2.68
CA LEU A 265 -17.13 -10.06 2.41
C LEU A 265 -15.97 -9.95 1.43
N ILE A 266 -15.18 -11.02 1.34
CA ILE A 266 -14.05 -11.11 0.41
C ILE A 266 -14.49 -11.10 -1.05
N GLU A 267 -15.67 -11.65 -1.33
CA GLU A 267 -16.23 -11.58 -2.68
C GLU A 267 -16.60 -10.15 -3.08
N GLY A 268 -17.05 -9.36 -2.11
CA GLY A 268 -17.35 -7.94 -2.32
C GLY A 268 -16.10 -7.14 -2.68
N ILE A 269 -14.94 -7.76 -2.48
CA ILE A 269 -13.66 -7.15 -2.82
C ILE A 269 -13.14 -7.71 -4.16
N ASN A 270 -13.27 -9.03 -4.33
CA ASN A 270 -12.96 -9.68 -5.59
C ASN A 270 -13.78 -9.15 -6.78
N HIS A 271 -15.09 -9.06 -6.57
CA HIS A 271 -16.01 -8.60 -7.61
C HIS A 271 -16.60 -7.24 -7.21
N THR A 272 -16.12 -6.19 -7.87
CA THR A 272 -16.43 -4.81 -7.49
C THR A 272 -17.09 -3.97 -8.59
N HIS A 273 -17.93 -3.02 -8.18
CA HIS A 273 -18.43 -1.97 -9.07
C HIS A 273 -17.67 -0.68 -8.76
N HIS A 274 -17.38 0.10 -9.80
CA HIS A 274 -16.71 1.38 -9.64
C HIS A 274 -17.49 2.47 -10.36
N VAL A 275 -17.39 3.70 -9.87
CA VAL A 275 -17.92 4.85 -10.59
C VAL A 275 -16.79 5.84 -10.83
N TYR A 276 -16.38 5.96 -12.10
CA TYR A 276 -15.37 6.92 -12.50
C TYR A 276 -16.01 8.08 -13.24
N ARG A 277 -16.04 9.24 -12.58
CA ARG A 277 -16.72 10.46 -13.08
C ARG A 277 -18.19 10.24 -13.49
N ASN A 278 -18.44 9.90 -14.75
CA ASN A 278 -19.82 9.69 -15.22
C ASN A 278 -20.04 8.37 -16.00
N LYS A 279 -19.24 7.36 -15.68
CA LYS A 279 -19.42 6.00 -16.20
C LYS A 279 -19.18 4.99 -15.07
N THR A 280 -20.01 3.95 -15.00
CA THR A 280 -19.82 2.91 -13.99
C THR A 280 -19.41 1.60 -14.65
N TYR A 281 -18.57 0.83 -13.97
CA TYR A 281 -18.03 -0.39 -14.54
C TYR A 281 -17.79 -1.47 -13.50
N CYS A 282 -17.61 -2.70 -13.97
CA CYS A 282 -17.50 -3.86 -13.10
C CYS A 282 -16.12 -4.47 -13.20
N VAL A 283 -15.49 -4.69 -12.05
CA VAL A 283 -14.18 -5.31 -12.03
C VAL A 283 -14.23 -6.65 -11.32
N LEU A 284 -13.80 -7.69 -12.02
CA LEU A 284 -13.69 -9.02 -11.47
C LEU A 284 -12.21 -9.33 -11.29
N GLY A 285 -11.85 -9.78 -10.09
CA GLY A 285 -10.45 -9.89 -9.70
C GLY A 285 -9.93 -8.52 -9.30
N GLY A 286 -8.67 -8.47 -8.89
CA GLY A 286 -8.01 -7.20 -8.59
C GLY A 286 -8.37 -6.57 -7.25
N MET A 287 -7.34 -6.22 -6.49
CA MET A 287 -7.51 -5.51 -5.22
C MET A 287 -7.76 -4.03 -5.48
N PRO A 288 -8.84 -3.48 -4.88
CA PRO A 288 -9.11 -2.03 -4.93
C PRO A 288 -7.96 -1.24 -4.31
N SER A 289 -7.43 -0.28 -5.07
CA SER A 289 -6.11 0.31 -4.80
C SER A 289 -6.06 1.45 -3.78
N GLY A 290 -6.92 2.45 -3.98
CA GLY A 290 -6.91 3.70 -3.18
C GLY A 290 -6.62 3.66 -1.68
N CYS A 291 -7.61 3.23 -0.90
CA CYS A 291 -7.54 3.24 0.57
C CYS A 291 -6.54 2.23 1.17
N SER A 292 -6.34 2.34 2.49
CA SER A 292 -5.39 1.49 3.23
C SER A 292 -6.04 0.33 3.98
N GLY A 293 -7.37 0.36 4.09
CA GLY A 293 -8.13 -0.74 4.70
C GLY A 293 -8.14 -1.97 3.80
N THR A 294 -7.07 -2.10 3.02
CA THR A 294 -6.92 -3.11 1.99
C THR A 294 -5.48 -3.65 2.00
N SER A 295 -4.62 -2.98 2.78
CA SER A 295 -3.18 -3.28 2.87
C SER A 295 -2.90 -4.64 3.46
N ILE A 296 -3.64 -4.99 4.52
CA ILE A 296 -3.41 -6.23 5.24
C ILE A 296 -3.73 -7.46 4.36
N PHE A 297 -4.86 -7.41 3.67
CA PHE A 297 -5.26 -8.48 2.76
C PHE A 297 -4.28 -8.68 1.61
N ASN A 298 -3.78 -7.58 1.06
CA ASN A 298 -2.73 -7.63 0.02
C ASN A 298 -1.47 -8.32 0.51
N SER A 299 -1.10 -8.05 1.76
CA SER A 299 0.07 -8.64 2.39
C SER A 299 -0.13 -10.13 2.65
N MET A 300 -1.35 -10.48 3.04
CA MET A 300 -1.72 -11.88 3.26
C MET A 300 -1.69 -12.66 1.95
N ILE A 301 -2.29 -12.10 0.91
CA ILE A 301 -2.31 -12.72 -0.41
C ILE A 301 -0.90 -12.90 -0.95
N ASN A 302 -0.03 -11.94 -0.65
CA ASN A 302 1.35 -12.01 -1.06
C ASN A 302 2.08 -13.15 -0.34
N ASN A 303 1.73 -13.36 0.92
CA ASN A 303 2.24 -14.48 1.70
C ASN A 303 1.81 -15.82 1.10
N ILE A 304 0.63 -15.85 0.47
CA ILE A 304 0.16 -17.02 -0.25
C ILE A 304 0.94 -17.17 -1.56
N ILE A 305 1.06 -16.07 -2.32
CA ILE A 305 1.75 -16.09 -3.62
C ILE A 305 3.17 -16.65 -3.50
N ILE A 306 3.98 -16.02 -2.65
CA ILE A 306 5.39 -16.41 -2.49
C ILE A 306 5.55 -17.90 -2.20
N ARG A 307 4.69 -18.43 -1.32
CA ARG A 307 4.69 -19.86 -0.99
C ARG A 307 4.31 -20.72 -2.20
N ALA A 308 3.27 -20.30 -2.93
CA ALA A 308 2.76 -21.03 -4.09
C ALA A 308 3.75 -21.04 -5.26
N LEU A 309 4.55 -19.98 -5.36
CA LEU A 309 5.57 -19.88 -6.40
C LEU A 309 6.74 -20.80 -6.07
N LEU A 310 7.14 -20.83 -4.81
CA LEU A 310 8.27 -21.65 -4.37
C LEU A 310 8.03 -23.13 -4.62
N ILE A 311 6.93 -23.66 -4.08
CA ILE A 311 6.65 -25.10 -4.17
C ILE A 311 6.30 -25.59 -5.58
N LYS A 312 5.97 -24.67 -6.47
CA LYS A 312 5.68 -25.04 -7.86
C LYS A 312 6.94 -25.03 -8.72
N THR A 313 7.90 -24.18 -8.36
CA THR A 313 9.14 -24.06 -9.13
C THR A 313 10.19 -25.08 -8.67
N PHE A 314 10.22 -25.36 -7.37
CA PHE A 314 11.23 -26.22 -6.79
C PHE A 314 10.59 -27.38 -6.02
N LYS A 315 10.76 -28.58 -6.56
CA LYS A 315 10.20 -29.81 -5.99
C LYS A 315 10.72 -30.06 -4.57
N GLY A 316 9.79 -30.33 -3.66
CA GLY A 316 10.12 -30.62 -2.25
C GLY A 316 10.88 -29.55 -1.49
N ILE A 317 10.63 -28.29 -1.82
CA ILE A 317 11.22 -27.16 -1.09
C ILE A 317 10.57 -27.05 0.29
N ASP A 318 11.32 -26.57 1.27
CA ASP A 318 10.87 -26.56 2.66
C ASP A 318 10.29 -25.20 3.09
N LEU A 319 8.96 -25.12 3.12
CA LEU A 319 8.25 -23.88 3.46
C LEU A 319 8.40 -23.46 4.92
N ASP A 320 8.81 -24.40 5.78
CA ASP A 320 9.02 -24.12 7.20
C ASP A 320 10.29 -23.30 7.44
N GLU A 321 11.15 -23.23 6.42
CA GLU A 321 12.41 -22.52 6.52
C GLU A 321 12.39 -21.19 5.74
N LEU A 322 11.22 -20.84 5.21
CA LEU A 322 10.99 -19.53 4.59
C LEU A 322 10.62 -18.48 5.65
N ASN A 323 11.18 -17.30 5.48
CA ASN A 323 10.84 -16.15 6.30
C ASN A 323 10.51 -14.98 5.39
N MET A 324 9.40 -14.30 5.66
CA MET A 324 9.03 -13.13 4.85
C MET A 324 8.18 -12.09 5.57
N VAL A 325 8.33 -10.85 5.11
CA VAL A 325 7.42 -9.77 5.46
C VAL A 325 6.94 -9.09 4.18
N ALA A 326 5.69 -8.65 4.19
CA ALA A 326 5.10 -7.97 3.06
C ALA A 326 4.27 -6.78 3.51
N TYR A 327 4.37 -5.69 2.74
CA TYR A 327 3.53 -4.51 2.92
C TYR A 327 2.90 -4.22 1.57
N GLY A 328 1.75 -4.83 1.31
CA GLY A 328 1.11 -4.74 0.00
C GLY A 328 1.90 -5.59 -0.98
N ASP A 329 2.29 -4.98 -2.09
CA ASP A 329 3.09 -5.66 -3.11
C ASP A 329 4.55 -5.86 -2.68
N ASP A 330 5.03 -5.00 -1.79
CA ASP A 330 6.44 -5.00 -1.38
C ASP A 330 6.79 -6.18 -0.48
N VAL A 331 7.76 -6.98 -0.92
CA VAL A 331 8.15 -8.20 -0.22
C VAL A 331 9.65 -8.28 0.03
N LEU A 332 10.01 -8.53 1.29
CA LEU A 332 11.36 -8.95 1.65
C LEU A 332 11.30 -10.38 2.18
N ALA A 333 12.06 -11.26 1.55
CA ALA A 333 12.11 -12.67 1.96
C ALA A 333 13.53 -13.21 2.00
N SER A 334 13.73 -14.28 2.79
CA SER A 334 15.02 -14.94 2.92
C SER A 334 14.87 -16.45 2.93
N TYR A 335 15.99 -17.15 2.76
CA TYR A 335 16.05 -18.62 2.79
C TYR A 335 17.48 -19.05 3.11
N PRO A 336 17.66 -20.19 3.82
CA PRO A 336 18.99 -20.78 4.09
C PRO A 336 19.96 -20.79 2.90
N PHE A 337 19.46 -21.10 1.71
CA PHE A 337 20.25 -20.97 0.48
C PHE A 337 19.53 -20.16 -0.60
N PRO A 338 20.29 -19.54 -1.53
CA PRO A 338 19.75 -18.66 -2.58
C PRO A 338 18.67 -19.27 -3.47
N ILE A 339 17.90 -18.41 -4.13
CA ILE A 339 16.79 -18.84 -4.99
C ILE A 339 16.89 -18.16 -6.36
N ASP A 340 16.67 -18.93 -7.42
CA ASP A 340 16.62 -18.40 -8.77
C ASP A 340 15.41 -17.48 -8.94
N CYS A 341 15.68 -16.19 -9.06
CA CYS A 341 14.62 -15.18 -9.18
C CYS A 341 13.93 -15.20 -10.53
N LEU A 342 14.68 -15.54 -11.58
CA LEU A 342 14.12 -15.58 -12.93
C LEU A 342 13.19 -16.78 -13.13
N GLU A 343 13.42 -17.84 -12.35
CA GLU A 343 12.56 -19.02 -12.38
C GLU A 343 11.25 -18.81 -11.62
N LEU A 344 11.31 -18.06 -10.52
CA LEU A 344 10.11 -17.66 -9.80
C LEU A 344 9.25 -16.74 -10.66
N ALA A 345 9.90 -15.77 -11.30
CA ALA A 345 9.24 -14.79 -12.16
C ALA A 345 8.50 -15.43 -13.34
N LYS A 346 9.00 -16.58 -13.80
CA LYS A 346 8.35 -17.32 -14.89
C LYS A 346 7.24 -18.23 -14.38
N THR A 347 7.36 -18.69 -13.14
CA THR A 347 6.29 -19.42 -12.47
C THR A 347 5.16 -18.44 -12.11
N GLY A 348 5.55 -17.20 -11.81
CA GLY A 348 4.59 -16.13 -11.52
C GLY A 348 3.87 -15.67 -12.78
N LYS A 349 4.55 -15.79 -13.92
CA LYS A 349 4.00 -15.46 -15.23
C LYS A 349 2.83 -16.39 -15.57
N GLU A 350 2.90 -17.63 -15.09
CA GLU A 350 1.83 -18.62 -15.26
C GLU A 350 0.57 -18.18 -14.54
N TYR A 351 0.74 -17.54 -13.38
CA TYR A 351 -0.38 -17.04 -12.59
C TYR A 351 -0.78 -15.60 -12.95
N GLY A 352 -0.25 -15.09 -14.06
CA GLY A 352 -0.60 -13.75 -14.55
C GLY A 352 0.03 -12.60 -13.78
N LEU A 353 1.11 -12.87 -13.07
CA LEU A 353 1.81 -11.88 -12.26
C LEU A 353 3.14 -11.48 -12.88
N THR A 354 3.30 -10.18 -13.17
CA THR A 354 4.54 -9.66 -13.73
C THR A 354 5.55 -9.40 -12.62
N MET A 355 6.72 -9.99 -12.76
CA MET A 355 7.78 -9.86 -11.76
C MET A 355 9.13 -9.58 -12.41
N THR A 356 9.77 -8.50 -11.98
CA THR A 356 11.12 -8.17 -12.40
C THR A 356 11.99 -7.93 -11.17
N PRO A 357 13.11 -8.68 -11.05
CA PRO A 357 13.98 -8.63 -9.86
C PRO A 357 14.53 -7.24 -9.58
N ALA A 358 14.44 -6.83 -8.31
CA ALA A 358 14.86 -5.49 -7.88
C ALA A 358 16.37 -5.27 -8.02
N ASP A 359 16.76 -4.76 -9.20
CA ASP A 359 18.15 -4.42 -9.52
C ASP A 359 18.18 -3.71 -10.89
N LYS A 360 18.97 -4.23 -11.84
CA LYS A 360 18.96 -3.73 -13.23
C LYS A 360 18.29 -4.69 -14.25
N SER A 361 18.82 -5.89 -14.54
CA SER A 361 20.12 -6.47 -14.11
C SER A 361 20.58 -7.69 -14.95
N PRO A 362 19.65 -8.61 -15.34
CA PRO A 362 18.20 -8.70 -15.11
C PRO A 362 17.78 -9.59 -13.92
N CYS A 363 18.69 -9.82 -12.96
CA CYS A 363 18.41 -10.65 -11.79
C CYS A 363 19.13 -10.25 -10.48
N PHE A 364 18.97 -11.10 -9.48
CA PHE A 364 19.66 -11.00 -8.19
C PHE A 364 21.14 -11.31 -8.36
N ASN A 365 21.97 -10.86 -7.41
CA ASN A 365 23.41 -11.16 -7.40
C ASN A 365 24.16 -10.96 -6.06
N GLU A 366 23.66 -11.48 -4.94
CA GLU A 366 22.39 -12.22 -4.85
C GLU A 366 21.29 -11.37 -4.20
N VAL A 367 21.54 -10.05 -4.16
CA VAL A 367 20.71 -9.08 -3.45
C VAL A 367 20.75 -9.30 -1.92
N ASN A 368 21.76 -8.71 -1.28
CA ASN A 368 21.88 -8.68 0.18
C ASN A 368 21.76 -7.25 0.73
N TRP A 369 22.00 -7.09 2.03
CA TRP A 369 21.61 -5.86 2.76
C TRP A 369 22.10 -4.51 2.21
N ASP A 370 23.15 -4.54 1.39
CA ASP A 370 23.72 -3.31 0.83
C ASP A 370 22.82 -2.66 -0.20
N ASN A 371 22.36 -3.45 -1.16
CA ASN A 371 21.46 -2.97 -2.21
C ASN A 371 19.99 -3.27 -1.94
N ALA A 372 19.71 -3.93 -0.81
CA ALA A 372 18.36 -4.32 -0.43
C ALA A 372 17.44 -3.12 -0.25
N THR A 373 16.28 -3.18 -0.90
CA THR A 373 15.27 -2.13 -0.83
C THR A 373 13.99 -2.70 -0.24
N PHE A 374 13.42 -1.99 0.72
CA PHE A 374 12.12 -2.32 1.29
C PHE A 374 11.41 -1.05 1.69
N LEU A 375 10.16 -0.90 1.24
CA LEU A 375 9.38 0.32 1.41
C LEU A 375 10.19 1.55 0.97
N LYS A 376 10.74 1.45 -0.25
CA LYS A 376 11.62 2.45 -0.85
C LYS A 376 13.00 2.56 -0.19
N ARG A 377 13.07 2.16 1.08
CA ARG A 377 14.24 2.43 1.91
C ARG A 377 15.31 1.36 1.80
N GLY A 378 16.56 1.79 1.93
CA GLY A 378 17.70 0.87 2.02
C GLY A 378 18.04 0.55 3.46
N PHE A 379 19.05 -0.27 3.65
CA PHE A 379 19.44 -0.75 4.96
C PHE A 379 20.89 -0.39 5.23
N LEU A 380 21.12 0.52 6.19
CA LEU A 380 22.46 0.99 6.50
C LEU A 380 22.76 0.89 7.99
N PRO A 381 23.69 -0.04 8.34
CA PRO A 381 24.13 -0.17 9.74
C PRO A 381 24.70 1.14 10.27
N ASP A 382 24.32 1.49 11.50
CA ASP A 382 24.82 2.68 12.16
C ASP A 382 26.33 2.59 12.31
N GLU A 383 27.01 3.70 12.05
CA GLU A 383 28.48 3.79 12.10
C GLU A 383 29.03 3.31 13.45
N GLN A 384 28.58 3.95 14.52
CA GLN A 384 29.02 3.63 15.87
C GLN A 384 28.39 2.35 16.43
N PHE A 385 27.13 2.07 16.06
CA PHE A 385 26.42 0.90 16.59
C PHE A 385 25.85 -0.01 15.49
N PRO A 386 26.72 -0.86 14.90
CA PRO A 386 26.36 -1.65 13.71
C PRO A 386 25.10 -2.53 13.84
N PHE A 387 24.70 -2.85 15.07
CA PHE A 387 23.50 -3.66 15.28
C PHE A 387 22.22 -2.85 15.10
N LEU A 388 22.36 -1.52 15.08
CA LEU A 388 21.25 -0.62 14.78
C LEU A 388 21.27 -0.24 13.31
N ILE A 389 20.12 -0.35 12.66
CA ILE A 389 19.99 -0.17 11.21
C ILE A 389 19.17 1.06 10.83
N HIS A 390 19.78 1.95 10.05
CA HIS A 390 19.10 3.11 9.52
C HIS A 390 18.22 2.72 8.33
N PRO A 391 16.96 3.22 8.30
CA PRO A 391 16.18 3.14 7.07
C PRO A 391 16.55 4.30 6.16
N THR A 392 17.08 4.00 4.98
CA THR A 392 17.56 5.06 4.09
C THR A 392 16.65 5.32 2.90
N MET A 393 15.84 6.37 3.02
CA MET A 393 15.08 6.92 1.91
C MET A 393 16.10 7.56 0.97
N PRO A 394 16.09 7.19 -0.32
CA PRO A 394 17.04 7.75 -1.27
C PRO A 394 16.86 9.26 -1.41
N MET A 395 17.96 10.00 -1.33
CA MET A 395 17.94 11.47 -1.45
C MET A 395 17.30 11.91 -2.76
N ARG A 396 17.47 11.09 -3.80
CA ARG A 396 16.82 11.30 -5.08
C ARG A 396 15.33 11.58 -4.88
N GLU A 397 14.66 10.69 -4.15
CA GLU A 397 13.23 10.83 -3.83
C GLU A 397 12.91 12.06 -2.96
N ILE A 398 13.79 12.34 -2.01
CA ILE A 398 13.60 13.48 -1.10
C ILE A 398 13.72 14.80 -1.86
N HIS A 399 14.65 14.84 -2.82
CA HIS A 399 14.82 16.01 -3.68
C HIS A 399 13.59 16.22 -4.55
N GLU A 400 13.11 15.16 -5.19
CA GLU A 400 11.88 15.23 -6.00
C GLU A 400 10.71 15.78 -5.18
N SER A 401 10.59 15.31 -3.95
CA SER A 401 9.50 15.66 -3.06
C SER A 401 9.52 17.11 -2.53
N ILE A 402 10.70 17.68 -2.36
CA ILE A 402 10.81 19.03 -1.77
C ILE A 402 10.47 20.14 -2.76
N ARG A 403 10.56 19.82 -4.05
CA ARG A 403 10.37 20.79 -5.14
C ARG A 403 8.91 21.15 -5.41
N TRP A 404 7.98 20.44 -4.77
CA TRP A 404 6.55 20.73 -4.90
C TRP A 404 5.85 20.84 -3.55
N THR A 405 4.72 21.54 -3.53
CA THR A 405 3.85 21.59 -2.35
C THR A 405 2.36 21.62 -2.74
N LYS A 406 1.49 21.22 -1.83
CA LYS A 406 0.06 21.31 -2.05
C LYS A 406 -0.51 22.55 -1.37
N ASP A 407 0.13 22.94 -0.27
CA ASP A 407 -0.21 24.15 0.45
C ASP A 407 1.07 24.90 0.76
N ALA A 408 1.13 26.17 0.35
CA ALA A 408 2.31 27.00 0.54
C ALA A 408 2.53 27.37 2.01
N ARG A 409 1.47 27.34 2.81
CA ARG A 409 1.54 27.65 4.24
C ARG A 409 2.27 26.56 5.04
N ASN A 410 2.56 25.44 4.39
CA ASN A 410 3.08 24.24 5.05
C ASN A 410 4.54 23.91 4.75
N THR A 411 5.31 24.92 4.35
CA THR A 411 6.72 24.74 4.01
C THR A 411 7.57 24.27 5.21
N GLN A 412 7.29 24.83 6.39
CA GLN A 412 8.00 24.46 7.61
C GLN A 412 7.78 22.98 8.00
N ASP A 413 6.51 22.57 8.07
CA ASP A 413 6.16 21.19 8.41
C ASP A 413 6.70 20.20 7.39
N HIS A 414 6.53 20.52 6.11
CA HIS A 414 6.90 19.64 5.02
C HIS A 414 8.41 19.36 5.00
N VAL A 415 9.21 20.41 5.21
CA VAL A 415 10.67 20.28 5.26
C VAL A 415 11.12 19.40 6.44
N ARG A 416 10.63 19.69 7.64
CA ARG A 416 10.93 18.88 8.81
C ARG A 416 10.64 17.39 8.57
N SER A 417 9.50 17.11 7.95
CA SER A 417 9.13 15.75 7.57
C SER A 417 10.18 15.09 6.70
N LEU A 418 10.73 15.86 5.77
CA LEU A 418 11.74 15.35 4.86
C LEU A 418 13.08 15.19 5.55
N CYS A 419 13.35 16.07 6.51
CA CYS A 419 14.56 15.99 7.32
C CYS A 419 14.55 14.73 8.19
N LEU A 420 13.41 14.47 8.84
CA LEU A 420 13.24 13.24 9.62
C LEU A 420 13.53 12.00 8.79
N LEU A 421 13.33 12.10 7.48
CA LEU A 421 13.67 11.01 6.57
C LEU A 421 15.15 11.06 6.15
N ALA A 422 15.62 12.27 5.84
CA ALA A 422 16.91 12.46 5.19
C ALA A 422 18.12 12.04 6.02
N TRP A 423 18.12 12.39 7.30
CA TRP A 423 19.29 12.24 8.16
C TRP A 423 19.83 10.81 8.27
N HIS A 424 18.96 9.82 8.07
CA HIS A 424 19.37 8.43 8.09
C HIS A 424 20.44 8.12 7.05
N ASN A 425 20.47 8.90 5.96
CA ASN A 425 21.50 8.74 4.92
C ASN A 425 22.91 9.11 5.39
N GLY A 426 23.00 9.69 6.58
CA GLY A 426 24.29 10.00 7.20
C GLY A 426 24.54 11.48 7.38
N LYS A 427 25.53 11.78 8.22
CA LYS A 427 25.90 13.16 8.56
C LYS A 427 26.35 13.96 7.34
N GLN A 428 27.16 13.33 6.49
CA GLN A 428 27.68 13.98 5.29
C GLN A 428 26.54 14.33 4.34
N GLU A 429 25.66 13.36 4.10
CA GLU A 429 24.48 13.56 3.27
C GLU A 429 23.56 14.65 3.84
N TYR A 430 23.31 14.59 5.15
CA TYR A 430 22.39 15.53 5.79
C TYR A 430 22.88 16.98 5.70
N GLU A 431 24.18 17.18 5.91
CA GLU A 431 24.77 18.51 5.81
C GLU A 431 24.54 19.08 4.41
N LYS A 432 24.82 18.27 3.40
CA LYS A 432 24.64 18.63 1.99
C LYS A 432 23.20 19.02 1.67
N PHE A 433 22.25 18.33 2.29
CA PHE A 433 20.83 18.64 2.17
C PHE A 433 20.50 19.98 2.82
N VAL A 434 20.78 20.10 4.12
CA VAL A 434 20.45 21.28 4.91
C VAL A 434 21.11 22.56 4.37
N SER A 435 22.31 22.44 3.83
CA SER A 435 23.00 23.60 3.28
C SER A 435 22.40 24.03 1.94
N THR A 436 21.90 23.08 1.15
CA THR A 436 21.17 23.41 -0.07
C THR A 436 19.82 24.08 0.27
N ILE A 437 19.22 23.66 1.39
CA ILE A 437 18.04 24.34 1.90
C ILE A 437 18.42 25.75 2.31
N ARG A 438 19.51 25.87 3.06
CA ARG A 438 19.97 27.16 3.55
C ARG A 438 20.71 27.95 2.47
N SER A 439 20.70 27.42 1.25
CA SER A 439 21.25 28.08 0.07
C SER A 439 20.32 29.19 -0.43
N VAL A 440 19.19 29.36 0.25
CA VAL A 440 18.15 30.29 -0.14
C VAL A 440 17.56 30.94 1.11
N PRO A 441 17.36 32.28 1.08
CA PRO A 441 16.85 33.06 2.21
C PRO A 441 15.66 32.46 2.97
N VAL A 442 14.68 31.89 2.27
CA VAL A 442 13.53 31.26 2.94
C VAL A 442 13.98 30.06 3.77
N GLY A 443 14.90 29.27 3.21
CA GLY A 443 15.49 28.12 3.89
C GLY A 443 16.17 28.49 5.19
N ARG A 444 16.89 29.61 5.18
CA ARG A 444 17.60 30.09 6.36
C ARG A 444 16.66 30.61 7.44
N ALA A 445 15.41 30.89 7.07
CA ALA A 445 14.39 31.35 8.02
C ALA A 445 13.66 30.18 8.70
N LEU A 446 13.99 28.96 8.29
CA LEU A 446 13.29 27.74 8.76
C LEU A 446 13.95 27.07 9.98
N ALA A 447 13.13 26.40 10.79
CA ALA A 447 13.59 25.63 11.93
C ALA A 447 13.98 24.19 11.54
N ILE A 448 15.17 24.04 10.94
CA ILE A 448 15.68 22.74 10.51
C ILE A 448 16.33 21.99 11.67
N PRO A 449 15.84 20.77 11.98
CA PRO A 449 16.30 19.98 13.13
C PRO A 449 17.77 19.60 13.05
N ASN A 450 18.41 19.55 14.22
CA ASN A 450 19.84 19.29 14.35
C ASN A 450 20.17 17.80 14.24
N TYR A 451 21.21 17.47 13.47
CA TYR A 451 21.60 16.08 13.21
C TYR A 451 21.73 15.17 14.43
N GLU A 452 22.69 15.48 15.31
CA GLU A 452 22.96 14.62 16.47
C GLU A 452 21.78 14.56 17.43
N ASN A 453 20.97 15.61 17.44
CA ASN A 453 19.72 15.60 18.19
C ASN A 453 18.74 14.57 17.62
N LEU A 454 18.63 14.51 16.29
CA LEU A 454 17.79 13.53 15.62
C LEU A 454 18.29 12.12 15.90
N ARG A 455 19.62 11.96 15.85
CA ARG A 455 20.27 10.70 16.20
C ARG A 455 19.99 10.32 17.66
N ARG A 456 20.10 11.30 18.54
CA ARG A 456 19.80 11.17 19.97
C ARG A 456 18.45 10.51 20.23
N ASN A 457 17.40 11.11 19.69
CA ASN A 457 16.02 10.63 19.87
C ASN A 457 15.82 9.26 19.26
N TRP A 458 16.55 8.98 18.18
CA TRP A 458 16.52 7.67 17.53
C TRP A 458 17.09 6.60 18.45
N LEU A 459 18.26 6.87 19.03
CA LEU A 459 18.90 5.95 19.97
C LEU A 459 17.98 5.61 21.12
N GLU A 460 17.23 6.61 21.59
CA GLU A 460 16.35 6.46 22.74
C GLU A 460 15.09 5.65 22.44
N LEU A 461 14.97 5.19 21.19
CA LEU A 461 13.87 4.33 20.79
C LEU A 461 14.23 2.86 20.96
N PHE A 462 15.48 2.60 21.34
CA PHE A 462 15.98 1.24 21.49
C PHE A 462 16.31 0.93 22.94
NI NI B . -20.35 -6.58 -11.63
BR BUP C . -3.85 3.54 -6.56
C1 BUP C . -2.65 3.19 -5.61
N1 BUP C . -1.26 3.67 -3.48
O1 BUP C . -3.22 5.08 -4.05
P1 BUP C . 2.50 1.45 -10.30
C2 BUP C . -1.75 2.02 -5.94
N2 BUP C . -0.63 1.69 -5.06
O2 BUP C . 0.71 2.20 -2.97
P2 BUP C . 4.38 -0.80 -10.28
C3 BUP C . -0.37 2.52 -3.81
O3 BUP C . 0.97 0.81 -6.62
P3 BUP C . 5.72 -0.29 -12.81
C4 BUP C . -2.39 4.00 -4.36
O4 BUP C . 0.03 -1.71 -4.59
C5 BUP C . -0.26 -1.23 -6.93
O5 BUP C . 0.02 -2.60 -7.03
C6 BUP C . -0.48 -0.78 -5.51
O6 BUP C . 1.28 1.24 -9.18
C7 BUP C . 0.27 0.55 -5.37
O7 BUP C . 3.89 0.71 -9.77
C8 BUP C . 0.93 -0.40 -7.44
O8 BUP C . 2.79 3.06 -10.49
C9 BUP C . 0.74 -0.04 -8.92
O9 BUP C . 2.08 0.89 -11.59
O10 BUP C . 4.41 -0.86 -11.94
O11 BUP C . 3.34 -1.95 -9.70
O12 BUP C . 5.71 -1.06 -9.76
O13 BUP C . 6.48 -1.57 -13.52
O14 BUP C . 6.77 0.50 -11.81
O15 BUP C . 5.25 0.62 -13.85
#